data_6D35
#
_entry.id   6D35
#
_cell.length_a   147.551
_cell.length_b   77.262
_cell.length_c   103.343
_cell.angle_alpha   90.000
_cell.angle_beta   108.310
_cell.angle_gamma   90.000
#
_symmetry.space_group_name_H-M   'C 1 2 1'
#
loop_
_entity.id
_entity.type
_entity.pdbx_description
1 polymer 'Smoothened,Soluble cytochrome b562,Smoothened'
2 non-polymer CHOLESTEROL
#
_entity_poly.entity_id   1
_entity_poly.type   'polypeptide(L)'
_entity_poly.pdbx_seq_one_letter_code
;GPDKCKKTTTCEPLKYNICLGSVLPYALTSTVLAEDSSSQDEVHDKLSLWSGLRNAPRCWDAIRPLLCAVYMPKCEGGKV
ELPSQGLCQTTRVPCAIVARERGWPDFLKCTTDYFPEGCPNEVQNIKFNSAGQCEAPLVRTDNPKSWYEDVEGCGIQCQN
PLFTNKEHREMHIYIAIFSSVTIFCTFFTLATFLVDWKNSNRYPAVILFYVNACFFAGSIGWLAQFMDGARDEIVCRGDG
TMRLGEPTSSETLSCVIIFIIVYYSMMSGVIWFVMLTYAWHTSFKALGTTHQPLSGKTSYFHLITWSIPFVLTVAILAVA
QVDGDSVSGICFVGYKNYHYRAGFVLAPIGLVLIGGGYFLIRGVMTLFSARRQLADLEDNWETLNDNLKVIEKADNAAQV
KDALTKMRAAALDAQKATPPKLEDKSPDSPEMKDFRHGFDILVGQIDDALKLANEGKVKEAQAAAEQLKTTRNAYIQKYL
ERARSTLSKINETMLRLGIFGFLAFGFVLITFGCHFYDFFNQAEWERSFREYVLCEANVAIAEQTNKPIPECYIKNRPSL
LVEKINLFAMFGTGISMSTWVWTKATIIIWKRAWCRILGR
;
_entity_poly.pdbx_strand_id   A
#
# COMPACT_ATOMS: atom_id res chain seq x y z
N LYS A 4 17.48 -57.23 15.09
CA LYS A 4 17.76 -56.39 13.92
C LYS A 4 17.54 -54.92 14.25
N CYS A 5 18.08 -54.04 13.42
CA CYS A 5 18.00 -52.61 13.66
C CYS A 5 16.72 -51.99 13.10
N LYS A 6 15.80 -52.82 12.64
CA LYS A 6 14.56 -52.33 12.04
C LYS A 6 13.34 -53.08 12.55
N LYS A 7 12.26 -52.33 12.78
CA LYS A 7 11.01 -52.91 13.29
C LYS A 7 9.86 -52.58 12.35
N THR A 8 8.91 -53.51 12.23
CA THR A 8 7.81 -53.36 11.28
C THR A 8 6.60 -52.65 11.89
N THR A 9 6.23 -51.53 11.29
CA THR A 9 5.07 -50.75 11.72
C THR A 9 4.63 -49.78 10.64
N THR A 10 3.44 -49.21 10.77
CA THR A 10 2.93 -48.28 9.78
C THR A 10 3.44 -46.86 10.04
N CYS A 11 4.02 -46.26 9.00
CA CYS A 11 4.60 -44.92 9.12
C CYS A 11 3.54 -43.84 8.93
N GLU A 12 3.51 -42.89 9.87
CA GLU A 12 2.59 -41.77 9.80
C GLU A 12 3.37 -40.45 9.78
N PRO A 13 2.81 -39.42 9.14
CA PRO A 13 3.47 -38.11 9.03
C PRO A 13 3.76 -37.47 10.39
N LEU A 14 4.88 -36.77 10.48
CA LEU A 14 5.23 -36.02 11.68
C LEU A 14 4.26 -34.87 11.89
N LYS A 15 3.60 -34.87 13.05
CA LYS A 15 2.71 -33.76 13.40
C LYS A 15 3.55 -32.57 13.82
N TYR A 16 4.77 -32.85 14.27
CA TYR A 16 5.75 -31.82 14.60
C TYR A 16 7.10 -32.23 14.03
N ASN A 17 7.69 -31.36 13.23
CA ASN A 17 8.94 -31.68 12.55
C ASN A 17 10.17 -31.27 13.36
N ILE A 18 9.95 -30.90 14.62
CA ILE A 18 11.05 -30.51 15.51
C ILE A 18 11.11 -31.42 16.72
N CYS A 19 12.31 -31.86 17.07
CA CYS A 19 12.51 -32.72 18.23
C CYS A 19 13.43 -32.05 19.24
N LEU A 20 12.84 -31.42 20.24
CA LEU A 20 13.57 -30.77 21.32
C LEU A 20 14.55 -29.71 20.82
N GLY A 21 14.03 -28.75 20.06
CA GLY A 21 14.84 -27.63 19.60
C GLY A 21 15.68 -27.94 18.37
N SER A 22 15.58 -29.16 17.87
CA SER A 22 16.35 -29.55 16.69
C SER A 22 15.45 -30.03 15.56
N VAL A 23 15.73 -29.56 14.35
CA VAL A 23 14.97 -29.93 13.17
C VAL A 23 15.17 -31.40 12.83
N LEU A 24 14.08 -32.07 12.47
CA LEU A 24 14.15 -33.47 12.08
C LEU A 24 14.40 -33.62 10.59
N PRO A 25 15.44 -34.38 10.23
CA PRO A 25 15.82 -34.58 8.82
C PRO A 25 14.87 -35.52 8.08
N TYR A 26 13.91 -36.11 8.80
CA TYR A 26 12.93 -36.97 8.17
C TYR A 26 11.52 -36.39 8.30
N ALA A 27 10.55 -37.03 7.67
CA ALA A 27 9.20 -36.50 7.62
C ALA A 27 8.17 -37.46 8.21
N LEU A 28 8.58 -38.71 8.45
CA LEU A 28 7.66 -39.72 8.96
C LEU A 28 8.17 -40.33 10.27
N THR A 29 7.24 -40.79 11.10
CA THR A 29 7.58 -41.38 12.38
C THR A 29 6.59 -42.48 12.77
N SER A 30 6.80 -43.03 13.97
CA SER A 30 5.89 -44.04 14.51
C SER A 30 5.93 -44.02 16.03
N THR A 31 4.80 -44.30 16.65
CA THR A 31 4.69 -44.23 18.11
C THR A 31 4.76 -45.62 18.75
N VAL A 32 5.43 -46.55 18.08
CA VAL A 32 5.52 -47.93 18.57
C VAL A 32 6.63 -48.08 19.62
N LEU A 33 7.76 -47.40 19.39
CA LEU A 33 8.88 -47.49 20.32
C LEU A 33 8.59 -46.75 21.62
N ALA A 34 7.83 -45.66 21.52
CA ALA A 34 7.40 -44.93 22.70
C ALA A 34 6.24 -45.68 23.37
N GLU A 35 6.59 -46.59 24.28
CA GLU A 35 5.61 -47.49 24.86
C GLU A 35 4.71 -46.81 25.89
N ASP A 36 4.94 -45.54 26.15
CA ASP A 36 4.04 -44.78 27.03
C ASP A 36 3.14 -43.87 26.20
N SER A 37 3.22 -44.02 24.88
CA SER A 37 2.43 -43.19 23.98
C SER A 37 1.73 -44.04 22.92
N SER A 38 0.61 -43.53 22.42
CA SER A 38 -0.14 -44.22 21.37
C SER A 38 -0.33 -43.31 20.16
N SER A 39 -0.34 -42.01 20.41
CA SER A 39 -0.44 -41.02 19.33
C SER A 39 0.67 -39.99 19.45
N GLN A 40 0.84 -39.18 18.41
CA GLN A 40 1.92 -38.19 18.38
C GLN A 40 1.65 -37.03 19.33
N ASP A 41 0.37 -36.81 19.64
CA ASP A 41 0.00 -35.80 20.62
C ASP A 41 0.54 -36.20 21.99
N GLU A 42 0.32 -37.47 22.33
CA GLU A 42 0.87 -38.05 23.55
C GLU A 42 2.39 -37.93 23.56
N VAL A 43 3.01 -38.16 22.40
CA VAL A 43 4.47 -38.04 22.27
C VAL A 43 4.92 -36.62 22.59
N HIS A 44 4.18 -35.63 22.08
CA HIS A 44 4.49 -34.23 22.33
C HIS A 44 4.32 -33.91 23.82
N ASP A 45 3.34 -34.55 24.45
CA ASP A 45 3.12 -34.37 25.89
C ASP A 45 4.29 -34.93 26.70
N LYS A 46 4.72 -36.15 26.35
CA LYS A 46 5.80 -36.82 27.08
C LYS A 46 7.12 -36.10 26.89
N LEU A 47 7.33 -35.57 25.68
CA LEU A 47 8.54 -34.78 25.41
C LEU A 47 8.46 -33.43 26.10
N SER A 48 7.23 -32.96 26.33
CA SER A 48 7.04 -31.74 27.11
C SER A 48 7.34 -32.03 28.59
N LEU A 49 7.17 -33.28 28.98
CA LEU A 49 7.54 -33.71 30.33
C LEU A 49 9.06 -33.84 30.44
N TRP A 50 9.70 -34.34 29.38
CA TRP A 50 11.14 -34.46 29.35
C TRP A 50 11.81 -33.10 29.21
N SER A 51 11.05 -32.12 28.75
CA SER A 51 11.56 -30.78 28.50
C SER A 51 12.11 -30.13 29.77
N GLY A 52 11.53 -30.46 30.92
CA GLY A 52 11.93 -29.87 32.18
C GLY A 52 13.32 -30.29 32.64
N LEU A 53 13.97 -31.14 31.85
CA LEU A 53 15.30 -31.63 32.17
C LEU A 53 16.38 -30.70 31.61
N ARG A 54 15.95 -29.73 30.81
CA ARG A 54 16.87 -28.81 30.13
C ARG A 54 17.69 -27.96 31.09
N ASN A 55 17.30 -27.91 32.36
CA ASN A 55 18.04 -27.17 33.37
C ASN A 55 19.31 -27.91 33.81
N ALA A 56 19.51 -29.10 33.24
CA ALA A 56 20.72 -29.87 33.47
C ALA A 56 21.40 -30.16 32.15
N PRO A 57 22.18 -29.18 31.65
CA PRO A 57 22.86 -29.26 30.35
C PRO A 57 23.71 -30.51 30.19
N ARG A 58 24.38 -30.92 31.27
CA ARG A 58 25.21 -32.12 31.27
C ARG A 58 24.42 -33.35 30.84
N CYS A 59 23.24 -33.51 31.43
CA CYS A 59 22.37 -34.64 31.12
C CYS A 59 21.55 -34.39 29.86
N TRP A 60 21.05 -33.17 29.72
CA TRP A 60 20.20 -32.80 28.59
C TRP A 60 20.92 -33.07 27.26
N ASP A 61 22.18 -32.67 27.19
CA ASP A 61 23.00 -32.86 25.99
C ASP A 61 23.10 -34.32 25.57
N ALA A 62 23.10 -35.22 26.54
CA ALA A 62 23.30 -36.64 26.26
C ALA A 62 21.98 -37.39 26.08
N ILE A 63 20.91 -36.85 26.66
CA ILE A 63 19.61 -37.52 26.63
C ILE A 63 18.77 -37.06 25.44
N ARG A 64 19.11 -35.89 24.88
CA ARG A 64 18.43 -35.41 23.67
C ARG A 64 18.40 -36.44 22.52
N PRO A 65 19.58 -36.98 22.12
CA PRO A 65 19.54 -37.89 20.96
C PRO A 65 18.78 -39.19 21.23
N LEU A 66 18.86 -39.69 22.46
CA LEU A 66 18.14 -40.90 22.84
C LEU A 66 16.65 -40.66 22.77
N LEU A 67 16.20 -39.58 23.41
CA LEU A 67 14.79 -39.21 23.43
C LEU A 67 14.24 -39.00 22.04
N CYS A 68 15.03 -38.39 21.17
CA CYS A 68 14.60 -38.19 19.78
C CYS A 68 14.55 -39.51 19.01
N ALA A 69 15.52 -40.39 19.27
CA ALA A 69 15.60 -41.66 18.58
C ALA A 69 14.52 -42.63 19.04
N VAL A 70 13.96 -42.38 20.23
CA VAL A 70 12.94 -43.26 20.78
C VAL A 70 11.52 -42.73 20.54
N TYR A 71 11.27 -41.51 20.99
CA TYR A 71 9.92 -40.95 20.91
C TYR A 71 9.53 -40.54 19.49
N MET A 72 10.48 -39.95 18.76
CA MET A 72 10.22 -39.54 17.38
C MET A 72 11.22 -40.14 16.41
N PRO A 73 11.16 -41.45 16.20
CA PRO A 73 12.14 -42.13 15.33
C PRO A 73 11.80 -41.95 13.85
N LYS A 74 12.76 -42.26 12.98
CA LYS A 74 12.54 -42.16 11.55
C LYS A 74 11.84 -43.41 11.02
N CYS A 75 10.64 -43.22 10.49
CA CYS A 75 9.89 -44.29 9.87
C CYS A 75 9.91 -44.11 8.36
N GLU A 76 10.25 -45.17 7.63
CA GLU A 76 10.38 -45.07 6.19
C GLU A 76 10.17 -46.41 5.49
N GLY A 77 9.01 -46.58 4.87
CA GLY A 77 8.70 -47.79 4.15
C GLY A 77 8.28 -48.93 5.06
N GLY A 78 7.58 -48.59 6.13
CA GLY A 78 7.09 -49.58 7.07
C GLY A 78 8.13 -50.04 8.07
N LYS A 79 9.27 -49.35 8.10
CA LYS A 79 10.35 -49.74 8.99
C LYS A 79 10.78 -48.59 9.91
N VAL A 80 11.00 -48.92 11.19
CA VAL A 80 11.54 -47.94 12.13
C VAL A 80 12.91 -48.40 12.66
N GLU A 81 13.86 -47.48 12.67
CA GLU A 81 15.21 -47.79 13.13
C GLU A 81 15.34 -47.60 14.64
N LEU A 82 15.69 -48.68 15.33
CA LEU A 82 15.85 -48.65 16.78
C LEU A 82 17.17 -48.01 17.18
N PRO A 83 17.17 -47.26 18.29
CA PRO A 83 18.40 -46.63 18.79
C PRO A 83 19.45 -47.65 19.18
N SER A 84 20.73 -47.27 19.09
CA SER A 84 21.83 -48.18 19.34
C SER A 84 22.13 -48.35 20.82
N GLN A 85 22.88 -49.40 21.15
CA GLN A 85 23.27 -49.69 22.52
C GLN A 85 24.22 -48.63 23.06
N GLY A 86 25.15 -48.20 22.22
CA GLY A 86 26.11 -47.16 22.60
C GLY A 86 25.41 -45.86 22.96
N LEU A 87 24.44 -45.47 22.13
CA LEU A 87 23.66 -44.26 22.37
C LEU A 87 22.94 -44.31 23.72
N CYS A 88 22.45 -45.50 24.06
CA CYS A 88 21.78 -45.69 25.34
C CYS A 88 22.79 -45.64 26.49
N GLN A 89 23.98 -46.16 26.24
CA GLN A 89 25.03 -46.17 27.26
C GLN A 89 25.59 -44.76 27.50
N THR A 90 25.47 -43.89 26.50
CA THR A 90 25.93 -42.51 26.65
C THR A 90 24.97 -41.70 27.50
N THR A 91 23.88 -42.31 27.94
CA THR A 91 22.87 -41.62 28.74
C THR A 91 22.89 -42.06 30.20
N ARG A 92 23.33 -43.28 30.45
CA ARG A 92 23.32 -43.84 31.79
C ARG A 92 24.22 -43.08 32.74
N VAL A 93 25.43 -42.78 32.29
CA VAL A 93 26.43 -42.12 33.12
C VAL A 93 26.04 -40.67 33.50
N PRO A 94 25.64 -39.84 32.53
CA PRO A 94 25.32 -38.48 32.99
C PRO A 94 23.90 -38.30 33.49
N CYS A 95 22.95 -39.03 32.93
CA CYS A 95 21.54 -38.87 33.30
C CYS A 95 21.11 -39.89 34.35
N ALA A 96 22.06 -40.36 35.14
CA ALA A 96 21.78 -41.30 36.22
C ALA A 96 20.76 -40.72 37.18
N ILE A 97 20.64 -39.40 37.18
CA ILE A 97 19.65 -38.69 37.99
C ILE A 97 18.24 -39.20 37.71
N VAL A 98 17.95 -39.51 36.44
CA VAL A 98 16.63 -40.02 36.05
C VAL A 98 16.35 -41.34 36.75
N ALA A 99 17.41 -42.13 36.96
CA ALA A 99 17.27 -43.42 37.61
C ALA A 99 17.10 -43.27 39.12
N ARG A 100 17.42 -42.09 39.64
CA ARG A 100 17.39 -41.89 41.09
C ARG A 100 16.02 -41.53 41.62
N GLU A 101 15.31 -40.64 40.91
CA GLU A 101 14.04 -40.12 41.40
C GLU A 101 12.84 -40.98 41.00
N ARG A 102 12.78 -41.35 39.73
CA ARG A 102 11.62 -42.07 39.21
C ARG A 102 12.03 -43.32 38.46
N GLY A 103 13.34 -43.55 38.38
CA GLY A 103 13.87 -44.67 37.63
C GLY A 103 13.73 -44.45 36.14
N TRP A 104 14.22 -45.41 35.37
CA TRP A 104 14.11 -45.35 33.92
C TRP A 104 12.90 -46.12 33.42
N PRO A 105 12.20 -45.55 32.42
CA PRO A 105 11.14 -46.28 31.72
C PRO A 105 11.68 -47.55 31.09
N ASP A 106 10.86 -48.60 31.06
CA ASP A 106 11.30 -49.91 30.59
C ASP A 106 11.75 -49.89 29.13
N PHE A 107 11.21 -48.97 28.36
CA PHE A 107 11.59 -48.84 26.95
C PHE A 107 12.79 -47.92 26.79
N LEU A 108 13.27 -47.36 27.90
CA LEU A 108 14.46 -46.52 27.87
C LEU A 108 15.63 -47.19 28.60
N LYS A 109 15.36 -48.35 29.18
CA LYS A 109 16.42 -49.16 29.79
C LYS A 109 17.27 -49.78 28.69
N CYS A 110 18.57 -49.89 28.94
CA CYS A 110 19.52 -50.31 27.92
C CYS A 110 19.49 -51.81 27.64
N THR A 111 18.33 -52.43 27.77
CA THR A 111 18.17 -53.83 27.37
C THR A 111 18.29 -53.93 25.86
N THR A 112 19.09 -54.89 25.39
CA THR A 112 19.46 -54.99 23.99
C THR A 112 18.28 -55.31 23.05
N ASP A 113 17.14 -55.66 23.62
CA ASP A 113 15.96 -55.90 22.81
C ASP A 113 15.29 -54.57 22.43
N TYR A 114 15.48 -53.57 23.28
CA TYR A 114 15.03 -52.21 22.97
C TYR A 114 16.11 -51.44 22.24
N PHE A 115 17.36 -51.66 22.64
CA PHE A 115 18.49 -50.97 22.07
C PHE A 115 19.56 -51.94 21.60
N PRO A 116 19.43 -52.45 20.37
CA PRO A 116 20.39 -53.39 19.79
C PRO A 116 21.79 -52.79 19.68
N GLU A 117 22.80 -53.65 19.58
CA GLU A 117 24.19 -53.21 19.62
C GLU A 117 24.76 -52.98 18.22
N GLY A 118 25.23 -51.75 17.98
CA GLY A 118 25.90 -51.43 16.73
C GLY A 118 24.98 -50.94 15.64
N CYS A 119 23.76 -50.58 16.00
CA CYS A 119 22.78 -50.10 15.04
C CYS A 119 23.04 -48.66 14.61
N PRO A 120 23.14 -48.42 13.30
CA PRO A 120 23.27 -47.06 12.77
C PRO A 120 22.02 -46.22 13.03
N ASN A 121 22.17 -45.15 13.80
CA ASN A 121 21.04 -44.28 14.14
C ASN A 121 21.15 -42.92 13.45
N GLU A 122 20.01 -42.42 12.98
CA GLU A 122 19.97 -41.17 12.21
C GLU A 122 20.19 -39.94 13.10
N VAL A 123 19.97 -40.10 14.39
CA VAL A 123 20.00 -38.98 15.32
C VAL A 123 21.42 -38.63 15.77
N GLN A 124 22.30 -39.63 15.81
CA GLN A 124 23.69 -39.42 16.22
C GLN A 124 24.39 -38.39 15.33
N ASN A 125 23.96 -38.34 14.06
CA ASN A 125 24.48 -37.36 13.11
C ASN A 125 24.03 -35.95 13.45
N ILE A 126 22.82 -35.83 13.99
CA ILE A 126 22.24 -34.55 14.34
C ILE A 126 22.95 -33.92 15.54
N LYS A 127 23.35 -32.67 15.41
CA LYS A 127 23.94 -31.93 16.52
C LYS A 127 22.93 -30.93 17.07
N PHE A 128 22.50 -31.15 18.30
CA PHE A 128 21.47 -30.33 18.91
C PHE A 128 21.99 -28.92 19.21
N ASN A 129 23.26 -28.82 19.61
CA ASN A 129 23.93 -27.54 19.68
C ASN A 129 24.57 -27.25 18.33
N SER A 130 23.96 -26.33 17.58
CA SER A 130 24.33 -26.08 16.19
C SER A 130 25.65 -25.34 16.01
N ALA A 131 26.69 -26.07 15.65
CA ALA A 131 27.96 -25.48 15.27
C ALA A 131 27.95 -25.20 13.77
N GLY A 132 27.43 -26.16 13.02
CA GLY A 132 27.26 -26.02 11.58
C GLY A 132 25.93 -26.59 11.14
N GLN A 133 25.09 -26.92 12.10
CA GLN A 133 23.76 -27.48 11.84
C GLN A 133 22.86 -26.47 11.15
N CYS A 134 23.03 -25.19 11.48
CA CYS A 134 22.25 -24.13 10.88
C CYS A 134 22.40 -24.12 9.35
N GLU A 135 21.31 -24.47 8.67
CA GLU A 135 21.32 -24.62 7.23
C GLU A 135 20.50 -23.52 6.56
N ALA A 136 21.02 -22.98 5.46
CA ALA A 136 20.31 -21.96 4.69
C ALA A 136 18.90 -22.44 4.34
N PRO A 137 17.91 -21.55 4.43
CA PRO A 137 18.01 -20.12 4.77
C PRO A 137 17.96 -19.83 6.28
N LEU A 138 18.91 -20.36 7.02
CA LEU A 138 19.04 -20.06 8.45
C LEU A 138 20.50 -19.74 8.77
N VAL A 139 20.71 -18.82 9.70
CA VAL A 139 22.05 -18.44 10.11
C VAL A 139 22.20 -18.61 11.62
N ARG A 140 23.36 -19.08 12.06
CA ARG A 140 23.61 -19.34 13.48
C ARG A 140 23.65 -18.07 14.30
N THR A 141 22.66 -17.90 15.17
CA THR A 141 22.66 -16.81 16.13
C THR A 141 22.36 -17.35 17.52
N ASP A 142 23.17 -16.94 18.50
CA ASP A 142 23.02 -17.42 19.86
C ASP A 142 22.06 -16.55 20.65
N ASN A 143 21.45 -15.59 19.98
CA ASN A 143 20.44 -14.72 20.60
C ASN A 143 19.06 -15.34 20.54
N PRO A 144 18.49 -15.65 21.72
CA PRO A 144 17.18 -16.33 21.84
C PRO A 144 16.00 -15.53 21.31
N LYS A 145 16.24 -14.29 20.88
CA LYS A 145 15.16 -13.45 20.35
C LYS A 145 15.08 -13.53 18.84
N SER A 146 16.02 -14.26 18.24
CA SER A 146 16.09 -14.35 16.78
C SER A 146 15.86 -15.78 16.28
N TRP A 147 15.79 -16.72 17.21
CA TRP A 147 15.61 -18.13 16.86
C TRP A 147 14.26 -18.40 16.21
N TYR A 148 14.30 -19.07 15.06
CA TYR A 148 13.09 -19.40 14.32
C TYR A 148 12.27 -20.48 15.02
N GLU A 149 11.02 -20.14 15.31
CA GLU A 149 10.11 -21.02 16.05
C GLU A 149 10.72 -21.45 17.38
N ASP A 150 10.93 -22.75 17.56
CA ASP A 150 11.49 -23.27 18.81
C ASP A 150 12.90 -23.78 18.62
N VAL A 151 13.35 -23.79 17.37
CA VAL A 151 14.68 -24.29 17.02
C VAL A 151 15.79 -23.53 17.76
N GLU A 152 16.69 -24.29 18.36
CA GLU A 152 17.77 -23.70 19.15
C GLU A 152 19.04 -23.52 18.32
N GLY A 153 19.63 -22.33 18.41
CA GLY A 153 20.90 -22.05 17.75
C GLY A 153 20.77 -21.45 16.37
N CYS A 154 19.64 -21.70 15.71
CA CYS A 154 19.43 -21.21 14.35
C CYS A 154 18.39 -20.11 14.29
N GLY A 155 18.68 -19.06 13.52
CA GLY A 155 17.73 -17.97 13.32
C GLY A 155 17.43 -17.79 11.85
N ILE A 156 16.25 -17.23 11.56
CA ILE A 156 15.86 -17.00 10.18
C ILE A 156 16.72 -15.89 9.56
N GLN A 157 17.36 -16.20 8.43
CA GLN A 157 18.33 -15.28 7.84
C GLN A 157 17.71 -13.94 7.45
N CYS A 158 18.56 -12.92 7.33
CA CYS A 158 18.10 -11.56 7.12
C CYS A 158 17.51 -11.33 5.73
N GLN A 159 18.32 -11.55 4.71
CA GLN A 159 17.90 -11.38 3.33
C GLN A 159 16.71 -12.28 3.04
N ASN A 160 15.76 -11.79 2.25
CA ASN A 160 14.54 -12.52 1.94
C ASN A 160 14.84 -13.86 1.30
N PRO A 161 14.45 -14.95 1.99
CA PRO A 161 14.69 -16.33 1.54
C PRO A 161 13.74 -16.78 0.43
N LEU A 162 13.03 -15.83 -0.18
CA LEU A 162 12.13 -16.13 -1.27
C LEU A 162 12.65 -15.57 -2.58
N PHE A 163 13.63 -14.68 -2.48
CA PHE A 163 14.25 -14.05 -3.65
C PHE A 163 15.75 -13.99 -3.49
N THR A 164 16.47 -14.42 -4.53
CA THR A 164 17.93 -14.41 -4.47
C THR A 164 18.50 -13.01 -4.69
N ASN A 165 19.82 -12.87 -4.58
CA ASN A 165 20.50 -11.59 -4.73
C ASN A 165 20.24 -10.95 -6.09
N LYS A 166 20.21 -11.80 -7.12
CA LYS A 166 20.01 -11.38 -8.50
C LYS A 166 18.70 -10.62 -8.70
N GLU A 167 17.73 -10.89 -7.82
CA GLU A 167 16.45 -10.20 -7.87
C GLU A 167 16.47 -8.97 -6.96
N HIS A 168 17.20 -9.09 -5.85
CA HIS A 168 17.34 -8.00 -4.91
C HIS A 168 17.96 -6.76 -5.56
N ARG A 169 19.03 -6.97 -6.32
CA ARG A 169 19.68 -5.87 -7.03
C ARG A 169 18.71 -5.18 -8.00
N GLU A 170 17.97 -5.99 -8.75
CA GLU A 170 16.95 -5.53 -9.67
C GLU A 170 15.90 -4.63 -9.00
N MET A 171 15.25 -5.15 -7.97
CA MET A 171 14.21 -4.41 -7.29
C MET A 171 14.79 -3.15 -6.64
N HIS A 172 16.02 -3.25 -6.16
CA HIS A 172 16.68 -2.12 -5.52
C HIS A 172 16.94 -0.99 -6.51
N ILE A 173 17.39 -1.30 -7.72
CA ILE A 173 17.63 -0.25 -8.70
C ILE A 173 16.29 0.29 -9.23
N TYR A 174 15.26 -0.56 -9.25
CA TYR A 174 13.92 -0.14 -9.62
C TYR A 174 13.41 0.94 -8.67
N ILE A 175 13.38 0.60 -7.39
CA ILE A 175 12.98 1.51 -6.32
C ILE A 175 13.86 2.75 -6.33
N ALA A 176 15.14 2.56 -6.64
CA ALA A 176 16.08 3.68 -6.77
C ALA A 176 15.56 4.69 -7.78
N ILE A 177 15.31 4.22 -9.01
CA ILE A 177 14.82 5.09 -10.07
C ILE A 177 13.52 5.80 -9.70
N PHE A 178 12.52 5.01 -9.32
CA PHE A 178 11.19 5.57 -9.03
C PHE A 178 11.22 6.59 -7.89
N SER A 179 11.87 6.21 -6.78
CA SER A 179 11.94 7.06 -5.61
C SER A 179 12.79 8.30 -5.87
N SER A 180 13.73 8.22 -6.81
CA SER A 180 14.53 9.39 -7.19
C SER A 180 13.68 10.38 -7.97
N VAL A 181 12.98 9.86 -8.99
CA VAL A 181 12.06 10.68 -9.75
C VAL A 181 11.07 11.38 -8.81
N THR A 182 10.52 10.62 -7.87
CA THR A 182 9.57 11.17 -6.91
C THR A 182 10.19 12.21 -5.99
N ILE A 183 11.39 11.94 -5.48
CA ILE A 183 12.01 12.83 -4.52
C ILE A 183 12.32 14.18 -5.18
N PHE A 184 12.79 14.16 -6.44
CA PHE A 184 13.14 15.44 -7.07
C PHE A 184 11.94 16.17 -7.68
N CYS A 185 10.92 15.43 -8.10
CA CYS A 185 9.69 16.06 -8.55
C CYS A 185 8.99 16.76 -7.38
N THR A 186 8.84 16.03 -6.28
CA THR A 186 8.26 16.58 -5.08
C THR A 186 9.09 17.75 -4.57
N PHE A 187 10.42 17.63 -4.68
CA PHE A 187 11.29 18.73 -4.29
C PHE A 187 11.06 19.94 -5.18
N PHE A 188 10.72 19.70 -6.44
CA PHE A 188 10.45 20.80 -7.37
C PHE A 188 9.16 21.51 -6.99
N THR A 189 8.13 20.73 -6.67
CA THR A 189 6.85 21.32 -6.23
C THR A 189 7.04 22.13 -4.94
N LEU A 190 7.70 21.51 -3.95
CA LEU A 190 8.01 22.17 -2.70
C LEU A 190 8.75 23.48 -2.93
N ALA A 191 9.80 23.43 -3.76
CA ALA A 191 10.60 24.61 -4.05
C ALA A 191 9.75 25.70 -4.69
N THR A 192 8.82 25.29 -5.56
CA THR A 192 7.92 26.26 -6.19
C THR A 192 7.06 26.95 -5.14
N PHE A 193 6.42 26.17 -4.27
CA PHE A 193 5.55 26.76 -3.25
C PHE A 193 6.32 27.35 -2.06
N LEU A 194 7.65 27.30 -2.12
CA LEU A 194 8.48 27.80 -1.02
C LEU A 194 9.18 29.10 -1.38
N VAL A 195 9.71 29.18 -2.59
CA VAL A 195 10.37 30.39 -3.05
C VAL A 195 9.36 31.53 -3.09
N ASP A 196 8.12 31.19 -3.43
CA ASP A 196 7.03 32.15 -3.41
C ASP A 196 6.12 31.87 -2.20
N TRP A 197 6.74 31.67 -1.05
CA TRP A 197 6.01 31.38 0.20
C TRP A 197 5.02 32.48 0.56
N LYS A 198 5.28 33.69 0.07
CA LYS A 198 4.43 34.84 0.36
C LYS A 198 3.19 34.84 -0.54
N ASN A 199 3.35 34.35 -1.76
CA ASN A 199 2.28 34.43 -2.76
C ASN A 199 1.61 33.08 -3.05
N SER A 200 2.25 31.99 -2.63
CA SER A 200 1.73 30.66 -2.92
C SER A 200 1.04 30.03 -1.72
N ASN A 201 1.17 30.67 -0.55
CA ASN A 201 0.56 30.14 0.66
C ASN A 201 -0.95 30.36 0.69
N ARG A 202 -1.67 29.63 -0.15
CA ARG A 202 -3.12 29.74 -0.22
C ARG A 202 -3.77 28.35 -0.21
N TYR A 203 -5.00 28.28 0.28
CA TYR A 203 -5.76 27.04 0.26
C TYR A 203 -6.74 27.06 -0.92
N PRO A 204 -6.90 25.92 -1.60
CA PRO A 204 -6.26 24.64 -1.31
C PRO A 204 -4.99 24.38 -2.12
N ALA A 205 -4.30 25.44 -2.55
CA ALA A 205 -3.10 25.29 -3.36
C ALA A 205 -1.90 24.88 -2.51
N VAL A 206 -2.00 25.06 -1.20
CA VAL A 206 -0.94 24.67 -0.29
C VAL A 206 -1.12 23.21 0.15
N ILE A 207 -2.29 22.67 -0.12
CA ILE A 207 -2.57 21.27 0.20
C ILE A 207 -1.75 20.37 -0.73
N LEU A 208 -1.57 20.81 -1.98
CA LEU A 208 -0.70 20.10 -2.91
C LEU A 208 0.73 20.13 -2.41
N PHE A 209 1.12 21.28 -1.85
CA PHE A 209 2.44 21.46 -1.26
C PHE A 209 2.65 20.51 -0.09
N TYR A 210 1.60 20.31 0.69
CA TYR A 210 1.67 19.40 1.84
C TYR A 210 1.72 17.93 1.41
N VAL A 211 0.94 17.60 0.39
CA VAL A 211 0.96 16.26 -0.20
C VAL A 211 2.36 15.92 -0.70
N ASN A 212 2.94 16.83 -1.47
CA ASN A 212 4.28 16.67 -1.99
C ASN A 212 5.33 16.67 -0.90
N ALA A 213 5.04 17.36 0.21
CA ALA A 213 5.94 17.37 1.37
C ALA A 213 5.99 15.98 2.00
N CYS A 214 4.80 15.42 2.24
CA CYS A 214 4.69 14.09 2.81
C CYS A 214 5.35 13.05 1.90
N PHE A 215 5.03 13.10 0.61
CA PHE A 215 5.60 12.18 -0.35
C PHE A 215 7.07 12.48 -0.63
N PHE A 216 7.57 13.59 -0.08
CA PHE A 216 8.99 13.90 -0.13
C PHE A 216 9.69 13.20 1.03
N ALA A 217 9.16 13.38 2.24
CA ALA A 217 9.71 12.70 3.41
C ALA A 217 9.70 11.18 3.22
N GLY A 218 8.59 10.66 2.72
CA GLY A 218 8.46 9.24 2.47
C GLY A 218 9.55 8.72 1.54
N SER A 219 9.78 9.43 0.45
CA SER A 219 10.82 9.05 -0.50
C SER A 219 12.21 9.17 0.11
N ILE A 220 12.38 10.12 1.03
CA ILE A 220 13.61 10.19 1.81
C ILE A 220 13.82 8.89 2.57
N GLY A 221 12.77 8.48 3.28
CA GLY A 221 12.79 7.22 4.02
C GLY A 221 13.08 6.02 3.12
N TRP A 222 12.59 6.09 1.89
CA TRP A 222 12.82 5.02 0.91
C TRP A 222 14.24 5.03 0.37
N LEU A 223 14.87 6.20 0.38
CA LEU A 223 16.22 6.35 -0.15
C LEU A 223 17.30 6.15 0.91
N ALA A 224 16.89 6.13 2.17
CA ALA A 224 17.82 5.99 3.28
C ALA A 224 18.61 4.68 3.24
N GLN A 225 18.11 3.69 2.50
CA GLN A 225 18.71 2.36 2.47
C GLN A 225 19.88 2.24 1.48
N PHE A 226 20.25 3.34 0.85
CA PHE A 226 21.25 3.30 -0.20
C PHE A 226 22.62 3.80 0.26
N MET A 227 22.77 4.06 1.56
CA MET A 227 24.05 4.50 2.09
C MET A 227 25.02 3.33 2.22
N ASP A 228 26.24 3.63 2.67
CA ASP A 228 27.27 2.61 2.81
C ASP A 228 27.03 1.72 4.02
N GLY A 229 26.20 0.69 3.83
CA GLY A 229 25.93 -0.27 4.88
C GLY A 229 24.75 0.08 5.76
N ALA A 230 23.89 0.96 5.25
CA ALA A 230 22.71 1.39 6.00
C ALA A 230 21.59 0.37 5.87
N ARG A 231 21.52 -0.28 4.71
CA ARG A 231 20.46 -1.24 4.43
C ARG A 231 20.45 -2.40 5.42
N ASP A 232 21.63 -2.96 5.67
CA ASP A 232 21.77 -4.07 6.62
C ASP A 232 21.55 -3.58 8.05
N GLU A 233 21.74 -2.29 8.28
CA GLU A 233 21.54 -1.70 9.60
C GLU A 233 20.05 -1.51 9.88
N ILE A 234 19.29 -1.23 8.83
CA ILE A 234 17.85 -1.01 8.95
C ILE A 234 17.06 -2.31 8.95
N VAL A 235 17.39 -3.20 8.02
CA VAL A 235 16.62 -4.44 7.84
C VAL A 235 17.02 -5.54 8.82
N CYS A 236 18.32 -5.75 9.00
CA CYS A 236 18.82 -6.88 9.79
C CYS A 236 19.03 -6.53 11.26
N ARG A 237 18.97 -7.55 12.12
CA ARG A 237 19.32 -7.40 13.52
C ARG A 237 20.84 -7.35 13.68
N GLY A 238 21.31 -7.47 14.91
CA GLY A 238 22.74 -7.46 15.18
C GLY A 238 23.40 -8.77 14.82
N ASP A 239 22.58 -9.83 14.68
CA ASP A 239 23.10 -11.17 14.43
C ASP A 239 22.75 -11.68 13.04
N GLY A 240 22.50 -10.78 12.10
CA GLY A 240 22.26 -11.14 10.72
C GLY A 240 20.93 -11.84 10.47
N THR A 241 19.98 -11.63 11.37
CA THR A 241 18.62 -12.15 11.19
C THR A 241 17.65 -10.99 10.99
N MET A 242 16.71 -11.17 10.06
CA MET A 242 15.80 -10.10 9.67
C MET A 242 14.96 -9.60 10.84
N ARG A 243 14.87 -8.29 10.97
CA ARG A 243 14.11 -7.67 12.05
C ARG A 243 12.62 -8.00 11.94
N LEU A 244 12.09 -8.64 12.96
CA LEU A 244 10.67 -9.00 13.00
C LEU A 244 10.07 -8.65 14.35
N GLY A 245 8.83 -8.15 14.34
CA GLY A 245 8.15 -7.77 15.56
C GLY A 245 8.73 -6.51 16.19
N GLU A 246 9.33 -5.65 15.36
CA GLU A 246 9.89 -4.39 15.83
C GLU A 246 8.78 -3.44 16.28
N PRO A 247 9.08 -2.57 17.26
CA PRO A 247 10.37 -2.43 17.95
C PRO A 247 10.60 -3.45 19.06
N THR A 248 11.67 -4.22 18.94
CA THR A 248 12.07 -5.15 20.00
C THR A 248 13.06 -4.46 20.93
N SER A 249 13.27 -5.04 22.10
CA SER A 249 14.17 -4.45 23.09
C SER A 249 15.64 -4.65 22.73
N SER A 250 16.46 -3.68 23.13
CA SER A 250 17.92 -3.73 22.91
C SER A 250 18.31 -3.90 21.44
N GLU A 251 17.58 -3.22 20.56
CA GLU A 251 17.94 -3.20 19.15
C GLU A 251 17.99 -1.76 18.63
N THR A 252 18.92 -1.49 17.72
CA THR A 252 19.08 -0.16 17.16
C THR A 252 17.81 0.29 16.45
N LEU A 253 17.40 1.52 16.71
CA LEU A 253 16.14 2.04 16.19
C LEU A 253 16.26 2.51 14.75
N SER A 254 17.23 1.97 14.02
CA SER A 254 17.45 2.33 12.63
C SER A 254 16.33 1.83 11.72
N CYS A 255 15.54 0.91 12.25
CA CYS A 255 14.42 0.32 11.50
C CYS A 255 13.12 1.10 11.72
N VAL A 256 12.75 1.25 12.98
CA VAL A 256 11.49 1.88 13.34
C VAL A 256 11.43 3.34 12.92
N ILE A 257 12.59 3.98 12.81
CA ILE A 257 12.67 5.34 12.30
C ILE A 257 12.23 5.38 10.85
N ILE A 258 12.84 4.52 10.03
CA ILE A 258 12.49 4.41 8.62
C ILE A 258 11.00 4.07 8.45
N PHE A 259 10.53 3.12 9.26
CA PHE A 259 9.11 2.76 9.24
C PHE A 259 8.20 3.95 9.53
N ILE A 260 8.52 4.67 10.60
CA ILE A 260 7.74 5.84 10.98
C ILE A 260 7.71 6.84 9.84
N ILE A 261 8.87 7.10 9.25
CA ILE A 261 8.96 8.01 8.11
C ILE A 261 8.02 7.59 6.99
N VAL A 262 8.29 6.42 6.41
CA VAL A 262 7.51 5.91 5.29
C VAL A 262 6.01 5.90 5.58
N TYR A 263 5.61 5.24 6.66
CA TYR A 263 4.20 5.07 6.99
C TYR A 263 3.47 6.38 7.30
N TYR A 264 4.03 7.16 8.23
CA TYR A 264 3.40 8.42 8.64
C TYR A 264 3.27 9.36 7.44
N SER A 265 4.35 9.49 6.69
CA SER A 265 4.37 10.35 5.51
C SER A 265 3.34 9.89 4.48
N MET A 266 3.23 8.58 4.31
CA MET A 266 2.28 8.00 3.37
C MET A 266 0.83 8.30 3.77
N MET A 267 0.50 8.00 5.03
CA MET A 267 -0.86 8.15 5.53
C MET A 267 -1.30 9.61 5.57
N SER A 268 -0.44 10.49 6.06
CA SER A 268 -0.75 11.92 6.02
C SER A 268 -0.92 12.35 4.57
N GLY A 269 -0.04 11.83 3.72
CA GLY A 269 -0.05 12.14 2.30
C GLY A 269 -1.30 11.70 1.57
N VAL A 270 -2.02 10.72 2.13
CA VAL A 270 -3.24 10.26 1.48
C VAL A 270 -4.51 10.76 2.20
N ILE A 271 -4.39 11.28 3.41
CA ILE A 271 -5.52 11.92 4.06
C ILE A 271 -5.64 13.37 3.55
N TRP A 272 -4.48 13.95 3.22
CA TRP A 272 -4.45 15.25 2.58
C TRP A 272 -5.24 15.24 1.26
N PHE A 273 -5.42 14.05 0.69
CA PHE A 273 -6.28 13.89 -0.48
C PHE A 273 -7.73 14.22 -0.14
N VAL A 274 -8.23 13.62 0.95
CA VAL A 274 -9.58 13.87 1.42
C VAL A 274 -9.75 15.36 1.73
N MET A 275 -8.75 15.92 2.40
CA MET A 275 -8.80 17.35 2.70
C MET A 275 -8.87 18.19 1.42
N LEU A 276 -8.12 17.76 0.40
CA LEU A 276 -8.09 18.45 -0.89
C LEU A 276 -9.46 18.42 -1.56
N THR A 277 -10.07 17.25 -1.61
CA THR A 277 -11.39 17.09 -2.22
C THR A 277 -12.44 17.93 -1.49
N TYR A 278 -12.40 17.90 -0.16
CA TYR A 278 -13.34 18.70 0.62
C TYR A 278 -13.16 20.19 0.33
N ALA A 279 -11.91 20.62 0.32
CA ALA A 279 -11.58 22.02 0.05
C ALA A 279 -12.08 22.44 -1.33
N TRP A 280 -11.97 21.54 -2.30
CA TRP A 280 -12.48 21.80 -3.64
C TRP A 280 -14.00 21.94 -3.64
N HIS A 281 -14.68 21.02 -2.96
CA HIS A 281 -16.14 21.08 -2.87
C HIS A 281 -16.62 22.39 -2.26
N THR A 282 -16.01 22.76 -1.14
CA THR A 282 -16.40 24.00 -0.45
C THR A 282 -16.03 25.23 -1.26
N SER A 283 -14.97 25.12 -2.05
CA SER A 283 -14.56 26.22 -2.92
C SER A 283 -15.55 26.42 -4.07
N PHE A 284 -16.11 25.31 -4.54
CA PHE A 284 -17.09 25.36 -5.62
C PHE A 284 -18.46 25.79 -5.10
N LYS A 285 -18.75 25.45 -3.86
CA LYS A 285 -20.06 25.72 -3.26
C LYS A 285 -20.28 27.20 -3.01
N ALA A 286 -19.18 27.95 -2.92
CA ALA A 286 -19.26 29.40 -2.71
C ALA A 286 -19.32 30.13 -4.04
N LEU A 294 -14.92 28.99 4.38
CA LEU A 294 -13.66 29.20 3.66
C LEU A 294 -12.45 28.91 4.54
N SER A 295 -11.80 29.97 5.00
CA SER A 295 -10.57 29.83 5.79
C SER A 295 -10.86 29.76 7.29
N GLY A 296 -12.06 29.32 7.63
CA GLY A 296 -12.44 29.15 9.02
C GLY A 296 -12.06 27.77 9.54
N LYS A 297 -12.04 26.79 8.63
CA LYS A 297 -11.69 25.42 8.98
C LYS A 297 -10.28 25.08 8.51
N THR A 298 -9.55 26.09 8.05
CA THR A 298 -8.23 25.89 7.46
C THR A 298 -7.19 25.45 8.49
N SER A 299 -7.54 25.58 9.77
CA SER A 299 -6.65 25.20 10.85
C SER A 299 -7.07 23.87 11.47
N TYR A 300 -8.14 23.29 10.94
CA TYR A 300 -8.66 22.02 11.47
C TYR A 300 -8.28 20.83 10.60
N PHE A 301 -7.87 21.10 9.35
CA PHE A 301 -7.47 20.03 8.43
C PHE A 301 -6.14 19.43 8.88
N HIS A 302 -5.23 20.32 9.24
CA HIS A 302 -3.92 19.95 9.78
C HIS A 302 -4.04 18.93 10.90
N LEU A 303 -4.85 19.26 11.91
CA LEU A 303 -5.02 18.42 13.08
C LEU A 303 -5.40 16.99 12.73
N ILE A 304 -6.34 16.82 11.81
CA ILE A 304 -6.74 15.48 11.37
C ILE A 304 -5.59 14.80 10.63
N THR A 305 -5.06 15.49 9.63
CA THR A 305 -4.03 14.91 8.76
C THR A 305 -2.72 14.58 9.48
N TRP A 306 -2.55 15.10 10.69
CA TRP A 306 -1.35 14.80 11.46
C TRP A 306 -1.64 13.89 12.64
N SER A 307 -2.88 13.92 13.14
CA SER A 307 -3.25 13.07 14.27
C SER A 307 -3.53 11.65 13.84
N ILE A 308 -4.35 11.47 12.80
CA ILE A 308 -4.72 10.12 12.40
C ILE A 308 -3.51 9.25 12.00
N PRO A 309 -2.59 9.77 11.17
CA PRO A 309 -1.41 8.95 10.89
C PRO A 309 -0.56 8.72 12.13
N PHE A 310 -0.54 9.69 13.04
CA PHE A 310 0.21 9.56 14.28
C PHE A 310 -0.37 8.45 15.14
N VAL A 311 -1.69 8.46 15.32
CA VAL A 311 -2.37 7.44 16.11
C VAL A 311 -2.19 6.05 15.50
N LEU A 312 -2.30 5.97 14.18
CA LEU A 312 -2.12 4.70 13.49
C LEU A 312 -0.70 4.16 13.67
N THR A 313 0.29 5.01 13.43
CA THR A 313 1.70 4.64 13.59
C THR A 313 2.02 4.18 15.01
N VAL A 314 1.54 4.96 15.98
CA VAL A 314 1.73 4.64 17.40
C VAL A 314 1.06 3.32 17.74
N ALA A 315 -0.07 3.04 17.10
CA ALA A 315 -0.76 1.76 17.30
C ALA A 315 0.07 0.60 16.78
N ILE A 316 0.62 0.77 15.58
CA ILE A 316 1.48 -0.25 14.98
C ILE A 316 2.71 -0.51 15.84
N LEU A 317 3.29 0.56 16.39
CA LEU A 317 4.45 0.42 17.27
C LEU A 317 4.04 -0.17 18.62
N ALA A 318 2.76 -0.04 18.95
CA ALA A 318 2.23 -0.57 20.20
C ALA A 318 2.06 -2.07 20.11
N VAL A 319 1.55 -2.55 18.98
CA VAL A 319 1.42 -3.99 18.77
C VAL A 319 2.74 -4.59 18.32
N ALA A 320 3.69 -3.72 17.96
CA ALA A 320 5.02 -4.13 17.52
C ALA A 320 4.96 -5.09 16.35
N GLN A 321 4.39 -4.64 15.24
CA GLN A 321 4.26 -5.48 14.05
C GLN A 321 5.06 -4.92 12.87
N VAL A 322 6.13 -4.21 13.18
CA VAL A 322 7.00 -3.67 12.13
C VAL A 322 8.00 -4.72 11.67
N ASP A 323 7.93 -5.08 10.39
CA ASP A 323 8.82 -6.08 9.82
C ASP A 323 9.77 -5.45 8.80
N GLY A 324 10.95 -6.03 8.65
CA GLY A 324 11.93 -5.50 7.71
C GLY A 324 12.03 -6.34 6.45
N ASP A 325 12.00 -5.68 5.30
CA ASP A 325 12.12 -6.37 4.02
C ASP A 325 13.41 -5.99 3.31
N SER A 326 14.15 -7.01 2.87
CA SER A 326 15.42 -6.78 2.19
C SER A 326 15.20 -6.37 0.74
N VAL A 327 14.10 -6.85 0.16
CA VAL A 327 13.77 -6.55 -1.23
C VAL A 327 13.38 -5.10 -1.41
N SER A 328 12.42 -4.63 -0.61
CA SER A 328 11.99 -3.25 -0.67
C SER A 328 13.02 -2.33 -0.04
N GLY A 329 13.76 -2.86 0.93
CA GLY A 329 14.82 -2.12 1.58
C GLY A 329 14.32 -1.21 2.67
N ILE A 330 13.14 -1.49 3.20
CA ILE A 330 12.56 -0.68 4.26
C ILE A 330 11.86 -1.54 5.31
N CYS A 331 11.40 -0.88 6.37
CA CYS A 331 10.61 -1.53 7.40
C CYS A 331 9.17 -1.06 7.29
N PHE A 332 8.24 -2.00 7.22
CA PHE A 332 6.83 -1.65 7.04
C PHE A 332 5.93 -2.54 7.89
N VAL A 333 4.65 -2.19 7.96
CA VAL A 333 3.70 -2.87 8.81
C VAL A 333 3.07 -4.08 8.11
N GLY A 334 2.97 -5.19 8.85
CA GLY A 334 2.21 -6.34 8.40
C GLY A 334 2.78 -7.12 7.24
N TYR A 335 4.05 -7.49 7.33
CA TYR A 335 4.66 -8.39 6.35
C TYR A 335 4.46 -9.83 6.78
N LYS A 336 4.93 -10.14 7.98
CA LYS A 336 4.77 -11.47 8.58
C LYS A 336 3.29 -11.82 8.70
N ASN A 337 2.55 -11.03 9.47
CA ASN A 337 1.12 -11.21 9.63
C ASN A 337 0.36 -10.28 8.69
N TYR A 338 -0.22 -10.87 7.65
CA TYR A 338 -0.84 -10.10 6.58
C TYR A 338 -2.20 -9.50 6.94
N HIS A 339 -2.66 -9.79 8.16
CA HIS A 339 -3.93 -9.23 8.63
C HIS A 339 -3.73 -7.89 9.32
N TYR A 340 -2.48 -7.43 9.34
CA TYR A 340 -2.15 -6.13 9.91
C TYR A 340 -1.93 -5.10 8.81
N ARG A 341 -1.37 -5.55 7.69
CA ARG A 341 -1.17 -4.65 6.55
C ARG A 341 -2.52 -4.28 5.94
N ALA A 342 -3.44 -5.24 5.92
CA ALA A 342 -4.79 -4.98 5.43
C ALA A 342 -5.55 -4.06 6.38
N GLY A 343 -5.13 -4.07 7.65
CA GLY A 343 -5.78 -3.27 8.66
C GLY A 343 -5.30 -1.83 8.72
N PHE A 344 -4.00 -1.62 8.56
CA PHE A 344 -3.42 -0.29 8.70
C PHE A 344 -3.09 0.39 7.37
N VAL A 345 -3.26 -0.33 6.27
CA VAL A 345 -3.02 0.26 4.96
C VAL A 345 -4.27 0.27 4.10
N LEU A 346 -4.91 -0.89 3.96
CA LEU A 346 -6.08 -1.01 3.09
C LEU A 346 -7.29 -0.26 3.63
N ALA A 347 -7.46 -0.26 4.95
CA ALA A 347 -8.60 0.41 5.57
C ALA A 347 -8.51 1.95 5.49
N PRO A 348 -7.38 2.54 5.90
CA PRO A 348 -7.34 4.01 5.79
C PRO A 348 -7.40 4.50 4.35
N ILE A 349 -6.67 3.83 3.46
CA ILE A 349 -6.67 4.19 2.04
C ILE A 349 -8.06 3.99 1.43
N GLY A 350 -8.75 2.93 1.85
CA GLY A 350 -10.10 2.67 1.37
C GLY A 350 -11.08 3.75 1.80
N LEU A 351 -11.05 4.09 3.08
CA LEU A 351 -11.90 5.16 3.61
C LEU A 351 -11.59 6.48 2.91
N VAL A 352 -10.31 6.72 2.66
CA VAL A 352 -9.88 7.90 1.91
C VAL A 352 -10.51 7.91 0.52
N LEU A 353 -10.50 6.76 -0.14
CA LEU A 353 -11.12 6.63 -1.45
C LEU A 353 -12.61 6.96 -1.40
N ILE A 354 -13.29 6.43 -0.39
CA ILE A 354 -14.72 6.65 -0.23
C ILE A 354 -15.05 8.13 -0.03
N GLY A 355 -14.42 8.74 0.98
CA GLY A 355 -14.68 10.14 1.29
C GLY A 355 -14.29 11.09 0.17
N GLY A 356 -13.06 10.96 -0.31
CA GLY A 356 -12.56 11.78 -1.39
C GLY A 356 -13.42 11.66 -2.63
N GLY A 357 -13.87 10.44 -2.91
CA GLY A 357 -14.79 10.21 -4.02
C GLY A 357 -16.11 10.92 -3.79
N TYR A 358 -16.62 10.86 -2.56
CA TYR A 358 -17.86 11.52 -2.22
C TYR A 358 -17.79 13.02 -2.48
N PHE A 359 -16.76 13.67 -1.94
CA PHE A 359 -16.63 15.12 -2.10
C PHE A 359 -16.23 15.50 -3.52
N LEU A 360 -15.64 14.56 -4.24
CA LEU A 360 -15.33 14.77 -5.65
C LEU A 360 -16.62 14.86 -6.46
N ILE A 361 -17.49 13.85 -6.31
CA ILE A 361 -18.74 13.81 -7.04
C ILE A 361 -19.68 14.92 -6.60
N ARG A 362 -19.63 15.26 -5.31
CA ARG A 362 -20.37 16.39 -4.79
C ARG A 362 -19.88 17.68 -5.45
N GLY A 363 -18.56 17.79 -5.58
CA GLY A 363 -17.95 18.93 -6.22
C GLY A 363 -18.33 19.08 -7.67
N VAL A 364 -18.39 17.96 -8.39
CA VAL A 364 -18.74 17.99 -9.80
C VAL A 364 -20.25 18.00 -10.02
N MET A 365 -21.01 17.87 -8.94
CA MET A 365 -22.45 18.10 -9.00
C MET A 365 -22.72 19.59 -8.82
N THR A 366 -22.05 20.18 -7.84
CA THR A 366 -22.07 21.62 -7.64
C THR A 366 -21.53 22.32 -8.89
N LEU A 367 -20.67 21.60 -9.61
CA LEU A 367 -20.10 22.10 -10.85
C LEU A 367 -21.05 21.89 -12.03
N PHE A 368 -21.65 20.70 -12.11
CA PHE A 368 -22.54 20.36 -13.21
C PHE A 368 -23.80 21.22 -13.21
N SER A 369 -24.22 21.66 -12.03
CA SER A 369 -25.43 22.48 -11.92
C SER A 369 -25.27 23.84 -12.61
N ALA A 370 -24.05 24.35 -12.65
CA ALA A 370 -23.77 25.63 -13.29
C ALA A 370 -23.32 25.45 -14.73
N ARG A 371 -22.63 24.34 -14.97
CA ARG A 371 -22.14 23.97 -16.30
C ARG A 371 -23.26 23.95 -17.33
N ARG A 372 -24.47 23.62 -16.88
CA ARG A 372 -25.64 23.59 -17.74
C ARG A 372 -26.24 24.99 -17.91
N GLN A 373 -26.24 25.76 -16.83
CA GLN A 373 -26.81 27.11 -16.82
C GLN A 373 -26.07 28.03 -17.80
N LEU A 374 -24.75 28.10 -17.63
CA LEU A 374 -23.91 28.94 -18.49
C LEU A 374 -24.06 28.54 -19.96
N ALA A 375 -24.09 27.23 -20.19
CA ALA A 375 -24.25 26.67 -21.53
C ALA A 375 -25.60 27.06 -22.13
N ASP A 376 -26.63 27.14 -21.29
CA ASP A 376 -27.96 27.53 -21.74
C ASP A 376 -27.97 29.01 -22.14
N LEU A 377 -27.34 29.85 -21.33
CA LEU A 377 -27.22 31.27 -21.66
C LEU A 377 -26.50 31.44 -23.01
N GLU A 378 -25.41 30.70 -23.16
CA GLU A 378 -24.63 30.72 -24.40
C GLU A 378 -25.48 30.27 -25.59
N ASP A 379 -26.33 29.27 -25.35
CA ASP A 379 -27.27 28.80 -26.36
C ASP A 379 -28.22 29.91 -26.81
N ASN A 380 -28.75 30.64 -25.83
CA ASN A 380 -29.62 31.77 -26.13
C ASN A 380 -28.91 32.82 -26.98
N TRP A 381 -27.66 33.12 -26.62
CA TRP A 381 -26.87 34.06 -27.40
C TRP A 381 -26.67 33.58 -28.84
N GLU A 382 -26.38 32.28 -28.96
CA GLU A 382 -26.25 31.63 -30.27
C GLU A 382 -27.51 31.86 -31.11
N THR A 383 -28.66 31.55 -30.52
CA THR A 383 -29.95 31.77 -31.17
C THR A 383 -30.09 33.21 -31.65
N LEU A 384 -29.80 34.15 -30.75
CA LEU A 384 -29.86 35.58 -31.09
C LEU A 384 -29.00 35.90 -32.32
N ASN A 385 -27.75 35.47 -32.29
CA ASN A 385 -26.82 35.73 -33.38
C ASN A 385 -27.30 35.17 -34.72
N ASP A 386 -27.58 33.87 -34.75
CA ASP A 386 -28.00 33.24 -36.01
C ASP A 386 -29.31 33.81 -36.53
N ASN A 387 -30.25 34.09 -35.64
CA ASN A 387 -31.51 34.70 -36.06
C ASN A 387 -31.30 36.10 -36.62
N LEU A 388 -30.37 36.85 -36.06
CA LEU A 388 -30.04 38.17 -36.60
C LEU A 388 -29.39 38.02 -37.97
N LYS A 389 -28.62 36.95 -38.15
CA LYS A 389 -28.01 36.63 -39.43
C LYS A 389 -29.08 36.38 -40.48
N VAL A 390 -30.15 35.68 -40.08
CA VAL A 390 -31.24 35.41 -41.00
C VAL A 390 -32.05 36.68 -41.32
N ILE A 391 -32.41 37.42 -40.28
CA ILE A 391 -33.21 38.64 -40.41
C ILE A 391 -32.53 39.71 -41.26
N GLU A 392 -31.26 39.98 -40.97
CA GLU A 392 -30.51 41.02 -41.68
C GLU A 392 -30.43 40.73 -43.18
N LYS A 393 -30.41 39.45 -43.53
CA LYS A 393 -30.29 39.04 -44.92
C LYS A 393 -31.42 38.10 -45.34
N ALA A 394 -32.58 38.67 -45.63
CA ALA A 394 -33.74 37.89 -46.04
C ALA A 394 -34.66 38.72 -46.94
N ASP A 395 -35.46 38.04 -47.76
CA ASP A 395 -36.40 38.71 -48.66
C ASP A 395 -37.83 38.56 -48.21
N ASN A 396 -38.24 37.34 -47.89
CA ASN A 396 -39.59 37.06 -47.48
C ASN A 396 -39.88 37.63 -46.09
N ALA A 397 -41.05 38.24 -45.93
CA ALA A 397 -41.42 38.90 -44.68
C ALA A 397 -41.93 37.89 -43.65
N ALA A 398 -41.92 36.61 -44.01
CA ALA A 398 -42.31 35.55 -43.10
C ALA A 398 -41.10 35.10 -42.28
N GLN A 399 -39.94 35.11 -42.93
CA GLN A 399 -38.69 34.74 -42.28
C GLN A 399 -38.34 35.73 -41.18
N VAL A 400 -38.60 37.01 -41.45
CA VAL A 400 -38.33 38.07 -40.49
C VAL A 400 -39.24 37.92 -39.26
N LYS A 401 -40.53 37.70 -39.51
CA LYS A 401 -41.51 37.50 -38.45
C LYS A 401 -41.13 36.29 -37.58
N ASP A 402 -40.85 35.18 -38.24
CA ASP A 402 -40.46 33.94 -37.58
C ASP A 402 -39.22 34.09 -36.73
N ALA A 403 -38.15 34.58 -37.34
CA ALA A 403 -36.87 34.72 -36.65
C ALA A 403 -36.93 35.76 -35.54
N LEU A 404 -37.78 36.76 -35.70
CA LEU A 404 -38.00 37.75 -34.65
C LEU A 404 -38.74 37.13 -33.48
N THR A 405 -39.67 36.23 -33.78
CA THR A 405 -40.40 35.50 -32.75
C THR A 405 -39.45 34.59 -31.97
N LYS A 406 -38.58 33.91 -32.69
CA LYS A 406 -37.58 33.05 -32.09
C LYS A 406 -36.62 33.85 -31.22
N MET A 407 -36.23 35.02 -31.71
CA MET A 407 -35.38 35.93 -30.95
C MET A 407 -36.09 36.37 -29.67
N ARG A 408 -37.38 36.62 -29.78
CA ARG A 408 -38.20 37.00 -28.65
C ARG A 408 -38.19 35.90 -27.59
N ALA A 409 -38.42 34.66 -28.02
CA ALA A 409 -38.42 33.52 -27.11
C ALA A 409 -37.07 33.34 -26.42
N ALA A 410 -36.01 33.35 -27.22
CA ALA A 410 -34.65 33.15 -26.70
C ALA A 410 -34.25 34.24 -25.72
N ALA A 411 -34.49 35.49 -26.09
CA ALA A 411 -34.14 36.63 -25.24
C ALA A 411 -34.97 36.64 -23.96
N LEU A 412 -36.24 36.25 -24.06
CA LEU A 412 -37.10 36.15 -22.89
C LEU A 412 -36.60 35.06 -21.95
N ASP A 413 -36.14 33.96 -22.51
CA ASP A 413 -35.66 32.84 -21.70
C ASP A 413 -34.35 33.19 -20.99
N ALA A 414 -33.52 33.99 -21.66
CA ALA A 414 -32.21 34.35 -21.13
C ALA A 414 -32.35 35.30 -19.94
N GLN A 415 -33.37 36.15 -19.99
CA GLN A 415 -33.62 37.13 -18.93
C GLN A 415 -34.05 36.45 -17.63
N LYS A 416 -34.56 35.23 -17.75
CA LYS A 416 -35.05 34.50 -16.58
C LYS A 416 -33.94 33.71 -15.90
N ALA A 417 -32.79 34.35 -15.67
CA ALA A 417 -31.66 33.68 -15.04
C ALA A 417 -31.09 34.49 -13.88
N THR A 418 -30.47 33.79 -12.93
CA THR A 418 -29.85 34.43 -11.78
C THR A 418 -28.32 34.41 -11.90
N LYS A 425 -25.86 36.22 -4.99
CA LYS A 425 -26.86 35.70 -4.05
C LYS A 425 -28.02 36.67 -3.86
N SER A 426 -27.88 37.89 -4.39
CA SER A 426 -28.91 38.90 -4.26
C SER A 426 -29.50 39.30 -5.60
N PRO A 427 -30.77 38.94 -5.84
CA PRO A 427 -31.49 39.32 -7.06
C PRO A 427 -31.83 40.81 -7.10
N ASP A 428 -31.60 41.50 -5.99
CA ASP A 428 -31.90 42.92 -5.88
C ASP A 428 -30.65 43.78 -6.03
N SER A 429 -29.54 43.15 -6.39
CA SER A 429 -28.28 43.86 -6.59
C SER A 429 -28.40 44.77 -7.83
N PRO A 430 -27.64 45.88 -7.83
CA PRO A 430 -27.70 46.81 -8.96
C PRO A 430 -27.28 46.19 -10.29
N GLU A 431 -26.46 45.15 -10.23
CA GLU A 431 -26.03 44.45 -11.44
C GLU A 431 -27.18 43.70 -12.09
N MET A 432 -27.91 42.93 -11.27
CA MET A 432 -29.04 42.15 -11.76
C MET A 432 -30.17 43.04 -12.25
N LYS A 433 -30.31 44.21 -11.65
CA LYS A 433 -31.30 45.19 -12.08
C LYS A 433 -30.97 45.71 -13.47
N ASP A 434 -29.68 45.90 -13.72
CA ASP A 434 -29.22 46.46 -15.00
C ASP A 434 -29.25 45.42 -16.11
N PHE A 435 -28.78 44.21 -15.80
CA PHE A 435 -28.70 43.12 -16.77
C PHE A 435 -30.07 42.78 -17.36
N ARG A 436 -31.10 42.78 -16.52
CA ARG A 436 -32.45 42.47 -16.97
C ARG A 436 -33.05 43.63 -17.76
N HIS A 437 -32.63 44.84 -17.43
CA HIS A 437 -33.10 46.03 -18.13
C HIS A 437 -32.65 46.03 -19.59
N GLY A 438 -31.43 45.54 -19.82
CA GLY A 438 -30.90 45.44 -21.16
C GLY A 438 -31.74 44.50 -22.02
N PHE A 439 -32.14 43.39 -21.42
CA PHE A 439 -33.01 42.44 -22.11
C PHE A 439 -34.43 42.97 -22.21
N ASP A 440 -34.80 43.90 -21.35
CA ASP A 440 -36.08 44.58 -21.48
C ASP A 440 -36.07 45.46 -22.72
N ILE A 441 -34.98 46.18 -22.92
CA ILE A 441 -34.80 47.01 -24.10
C ILE A 441 -34.78 46.14 -25.35
N LEU A 442 -34.03 45.04 -25.28
CA LEU A 442 -33.88 44.14 -26.41
C LEU A 442 -35.22 43.51 -26.81
N VAL A 443 -35.93 42.94 -25.83
CA VAL A 443 -37.23 42.34 -26.08
C VAL A 443 -38.23 43.36 -26.60
N GLY A 444 -38.18 44.57 -26.04
CA GLY A 444 -39.05 45.65 -26.48
C GLY A 444 -38.86 45.99 -27.94
N GLN A 445 -37.60 46.24 -28.31
CA GLN A 445 -37.28 46.57 -29.70
C GLN A 445 -37.60 45.40 -30.63
N ILE A 446 -37.40 44.18 -30.15
CA ILE A 446 -37.75 42.98 -30.89
C ILE A 446 -39.25 42.95 -31.17
N ASP A 447 -40.05 43.34 -30.19
CA ASP A 447 -41.50 43.38 -30.34
C ASP A 447 -41.92 44.50 -31.29
N ASP A 448 -41.18 45.61 -31.28
CA ASP A 448 -41.43 46.69 -32.22
C ASP A 448 -41.20 46.21 -33.65
N ALA A 449 -40.06 45.58 -33.86
CA ALA A 449 -39.71 45.01 -35.16
C ALA A 449 -40.68 43.92 -35.56
N LEU A 450 -41.28 43.27 -34.56
CA LEU A 450 -42.31 42.26 -34.78
C LEU A 450 -43.58 42.91 -35.30
N LYS A 451 -43.93 44.05 -34.72
CA LYS A 451 -45.07 44.82 -35.18
C LYS A 451 -44.83 45.28 -36.62
N LEU A 452 -43.59 45.64 -36.92
CA LEU A 452 -43.23 46.04 -38.28
C LEU A 452 -43.31 44.86 -39.26
N ALA A 453 -42.90 43.68 -38.80
CA ALA A 453 -42.85 42.50 -39.66
C ALA A 453 -44.24 41.93 -39.92
N ASN A 454 -45.13 42.08 -38.95
CA ASN A 454 -46.50 41.57 -39.07
C ASN A 454 -47.30 42.29 -40.14
N GLU A 455 -46.98 43.56 -40.35
CA GLU A 455 -47.69 44.39 -41.31
C GLU A 455 -47.12 44.23 -42.73
N GLY A 456 -46.10 43.40 -42.86
CA GLY A 456 -45.52 43.12 -44.15
C GLY A 456 -44.34 44.00 -44.52
N LYS A 457 -44.02 44.94 -43.64
CA LYS A 457 -42.90 45.85 -43.85
C LYS A 457 -41.57 45.13 -43.59
N VAL A 458 -40.94 44.65 -44.67
CA VAL A 458 -39.76 43.83 -44.56
C VAL A 458 -38.52 44.63 -44.18
N LYS A 459 -38.12 45.53 -45.07
CA LYS A 459 -36.86 46.27 -44.93
C LYS A 459 -36.90 47.26 -43.78
N GLU A 460 -38.10 47.63 -43.33
CA GLU A 460 -38.23 48.50 -42.17
C GLU A 460 -37.85 47.73 -40.90
N ALA A 461 -38.32 46.49 -40.82
CA ALA A 461 -37.96 45.62 -39.70
C ALA A 461 -36.48 45.25 -39.78
N GLN A 462 -36.01 44.98 -40.99
CA GLN A 462 -34.59 44.68 -41.21
C GLN A 462 -33.72 45.85 -40.75
N ALA A 463 -34.19 47.06 -41.00
CA ALA A 463 -33.50 48.26 -40.54
C ALA A 463 -33.64 48.40 -39.03
N ALA A 464 -34.72 47.85 -38.50
CA ALA A 464 -34.97 47.88 -37.06
C ALA A 464 -34.26 46.74 -36.34
N ALA A 465 -33.50 45.95 -37.10
CA ALA A 465 -32.73 44.85 -36.53
C ALA A 465 -31.30 45.28 -36.18
N GLU A 466 -30.82 46.32 -36.87
CA GLU A 466 -29.49 46.86 -36.58
C GLU A 466 -29.52 47.54 -35.22
N GLN A 467 -30.67 48.10 -34.88
CA GLN A 467 -30.91 48.63 -33.55
C GLN A 467 -30.72 47.51 -32.53
N LEU A 468 -31.26 46.34 -32.87
CA LEU A 468 -31.11 45.14 -32.03
C LEU A 468 -29.64 44.74 -31.92
N LYS A 469 -28.88 44.95 -32.99
CA LYS A 469 -27.46 44.63 -32.96
C LYS A 469 -26.68 45.55 -32.01
N THR A 470 -26.79 46.85 -32.22
CA THR A 470 -26.09 47.83 -31.39
C THR A 470 -26.52 47.72 -29.92
N THR A 471 -27.81 47.47 -29.71
CA THR A 471 -28.34 47.29 -28.36
C THR A 471 -27.80 46.00 -27.75
N ARG A 472 -27.64 44.98 -28.58
CA ARG A 472 -27.08 43.70 -28.12
C ARG A 472 -25.65 43.89 -27.66
N ASN A 473 -24.87 44.63 -28.43
CA ASN A 473 -23.49 44.91 -28.07
C ASN A 473 -23.39 45.76 -26.82
N ALA A 474 -24.25 46.77 -26.73
CA ALA A 474 -24.20 47.75 -25.65
C ALA A 474 -24.66 47.18 -24.31
N TYR A 475 -25.79 46.48 -24.31
CA TYR A 475 -26.43 46.08 -23.05
C TYR A 475 -26.24 44.62 -22.68
N ILE A 476 -25.89 43.78 -23.64
CA ILE A 476 -25.86 42.33 -23.40
C ILE A 476 -24.45 41.73 -23.49
N GLN A 477 -23.64 42.23 -24.41
CA GLN A 477 -22.33 41.65 -24.68
C GLN A 477 -21.41 41.70 -23.46
N LYS A 478 -21.64 42.67 -22.58
CA LYS A 478 -20.90 42.79 -21.34
C LYS A 478 -20.96 41.51 -20.52
N TYR A 479 -22.15 41.24 -19.99
CA TYR A 479 -22.39 40.10 -19.12
C TYR A 479 -22.09 38.79 -19.84
N LEU A 480 -22.34 38.77 -21.14
CA LEU A 480 -22.11 37.56 -21.91
C LEU A 480 -20.64 37.21 -22.02
N GLU A 481 -19.83 38.15 -22.50
CA GLU A 481 -18.39 37.92 -22.61
C GLU A 481 -17.77 37.81 -21.23
N ARG A 482 -18.48 38.30 -20.21
CA ARG A 482 -18.09 38.09 -18.83
C ARG A 482 -18.29 36.63 -18.44
N ALA A 483 -19.37 36.02 -18.93
CA ALA A 483 -19.68 34.62 -18.63
C ALA A 483 -19.34 33.70 -19.80
N ARG A 484 -18.40 34.13 -20.65
CA ARG A 484 -18.03 33.39 -21.84
C ARG A 484 -16.72 32.65 -21.60
N SER A 485 -15.86 33.25 -20.80
CA SER A 485 -14.57 32.68 -20.46
C SER A 485 -14.71 31.65 -19.34
N THR A 486 -15.79 31.76 -18.57
CA THR A 486 -16.02 30.87 -17.43
C THR A 486 -16.24 29.43 -17.89
N LEU A 487 -16.89 29.27 -19.04
CA LEU A 487 -17.14 27.94 -19.58
C LEU A 487 -15.85 27.21 -19.94
N SER A 488 -14.78 27.97 -20.11
CA SER A 488 -13.46 27.40 -20.35
C SER A 488 -12.83 26.97 -19.03
N LYS A 489 -12.95 27.83 -18.02
CA LYS A 489 -12.40 27.55 -16.70
C LYS A 489 -13.14 26.40 -16.04
N ILE A 490 -14.47 26.40 -16.16
CA ILE A 490 -15.31 25.35 -15.61
C ILE A 490 -15.02 24.00 -16.29
N ASN A 491 -14.80 24.04 -17.59
CA ASN A 491 -14.51 22.81 -18.33
C ASN A 491 -13.11 22.29 -18.02
N GLU A 492 -12.17 23.21 -17.79
CA GLU A 492 -10.81 22.85 -17.41
C GLU A 492 -10.81 22.19 -16.03
N THR A 493 -11.57 22.77 -15.10
CA THR A 493 -11.70 22.21 -13.77
C THR A 493 -12.39 20.85 -13.81
N MET A 494 -13.42 20.74 -14.64
CA MET A 494 -14.16 19.50 -14.82
C MET A 494 -13.28 18.39 -15.34
N LEU A 495 -12.47 18.70 -16.35
CA LEU A 495 -11.62 17.70 -16.99
C LEU A 495 -10.40 17.36 -16.14
N ARG A 496 -9.90 18.32 -15.36
CA ARG A 496 -8.76 18.04 -14.50
C ARG A 496 -9.21 17.25 -13.27
N LEU A 497 -10.48 17.45 -12.88
CA LEU A 497 -11.07 16.65 -11.81
C LEU A 497 -11.41 15.27 -12.33
N GLY A 498 -11.66 15.19 -13.64
CA GLY A 498 -11.85 13.90 -14.29
C GLY A 498 -10.52 13.17 -14.27
N ILE A 499 -9.45 13.90 -14.56
CA ILE A 499 -8.09 13.37 -14.48
C ILE A 499 -7.81 12.81 -13.09
N PHE A 500 -7.90 13.68 -12.08
CA PHE A 500 -7.62 13.28 -10.70
C PHE A 500 -8.48 12.12 -10.23
N GLY A 501 -9.75 12.14 -10.64
CA GLY A 501 -10.68 11.09 -10.27
C GLY A 501 -10.29 9.75 -10.86
N PHE A 502 -10.25 9.67 -12.19
CA PHE A 502 -9.96 8.42 -12.88
C PHE A 502 -8.51 7.96 -12.71
N LEU A 503 -7.67 8.84 -12.17
CA LEU A 503 -6.28 8.49 -11.85
C LEU A 503 -6.17 7.91 -10.45
N ALA A 504 -6.69 8.66 -9.46
CA ALA A 504 -6.63 8.22 -8.07
C ALA A 504 -7.39 6.92 -7.88
N PHE A 505 -8.57 6.82 -8.49
CA PHE A 505 -9.35 5.60 -8.41
C PHE A 505 -8.59 4.43 -9.03
N GLY A 506 -7.84 4.71 -10.09
CA GLY A 506 -7.03 3.71 -10.75
C GLY A 506 -5.91 3.21 -9.85
N PHE A 507 -5.20 4.14 -9.24
CA PHE A 507 -4.11 3.80 -8.33
C PHE A 507 -4.60 2.99 -7.13
N VAL A 508 -5.70 3.45 -6.52
CA VAL A 508 -6.28 2.75 -5.38
C VAL A 508 -6.74 1.35 -5.78
N LEU A 509 -7.36 1.25 -6.94
CA LEU A 509 -7.82 -0.03 -7.48
C LEU A 509 -6.65 -1.00 -7.65
N ILE A 510 -5.56 -0.50 -8.22
CA ILE A 510 -4.39 -1.32 -8.50
C ILE A 510 -3.68 -1.77 -7.21
N THR A 511 -3.48 -0.86 -6.28
CA THR A 511 -2.77 -1.20 -5.05
C THR A 511 -3.63 -2.13 -4.19
N PHE A 512 -4.95 -1.93 -4.24
CA PHE A 512 -5.87 -2.82 -3.55
C PHE A 512 -5.81 -4.20 -4.19
N GLY A 513 -5.65 -4.23 -5.51
CA GLY A 513 -5.52 -5.48 -6.24
C GLY A 513 -4.29 -6.26 -5.83
N CYS A 514 -3.14 -5.60 -5.82
CA CYS A 514 -1.88 -6.24 -5.44
C CYS A 514 -1.93 -6.73 -4.00
N HIS A 515 -2.29 -5.82 -3.10
CA HIS A 515 -2.40 -6.14 -1.68
C HIS A 515 -3.35 -7.31 -1.46
N PHE A 516 -4.41 -7.38 -2.26
CA PHE A 516 -5.38 -8.46 -2.15
C PHE A 516 -4.83 -9.78 -2.69
N TYR A 517 -3.96 -9.70 -3.69
CA TYR A 517 -3.33 -10.91 -4.21
C TYR A 517 -2.41 -11.51 -3.17
N ASP A 518 -1.54 -10.68 -2.62
CA ASP A 518 -0.65 -11.14 -1.54
C ASP A 518 -1.48 -11.67 -0.37
N PHE A 519 -2.50 -10.91 0.00
CA PHE A 519 -3.44 -11.28 1.06
C PHE A 519 -4.09 -12.62 0.78
N PHE A 520 -4.25 -12.95 -0.50
CA PHE A 520 -4.88 -14.19 -0.91
C PHE A 520 -3.95 -15.40 -0.81
N ASN A 521 -2.75 -15.27 -1.37
CA ASN A 521 -1.88 -16.44 -1.47
C ASN A 521 -0.78 -16.54 -0.41
N GLN A 522 -0.79 -15.62 0.56
CA GLN A 522 0.17 -15.67 1.65
C GLN A 522 -0.09 -16.89 2.55
N ALA A 523 -1.30 -17.43 2.47
CA ALA A 523 -1.67 -18.61 3.24
C ALA A 523 -0.97 -19.87 2.69
N GLU A 524 -0.57 -19.81 1.42
CA GLU A 524 0.06 -20.95 0.76
C GLU A 524 1.57 -20.77 0.70
N TRP A 525 2.00 -19.53 0.47
CA TRP A 525 3.42 -19.21 0.39
C TRP A 525 4.17 -19.66 1.66
N GLU A 526 3.54 -19.48 2.81
CA GLU A 526 4.12 -19.90 4.09
C GLU A 526 4.26 -21.41 4.17
N ARG A 527 3.25 -22.12 3.66
CA ARG A 527 3.29 -23.58 3.59
C ARG A 527 4.50 -24.03 2.79
N SER A 528 4.61 -23.50 1.58
CA SER A 528 5.72 -23.83 0.68
C SER A 528 7.07 -23.55 1.34
N PHE A 529 7.19 -22.36 1.94
CA PHE A 529 8.43 -21.98 2.61
C PHE A 529 8.79 -22.93 3.74
N ARG A 530 7.80 -23.30 4.55
CA ARG A 530 8.02 -24.22 5.66
C ARG A 530 8.51 -25.57 5.17
N GLU A 531 7.81 -26.13 4.19
CA GLU A 531 8.21 -27.39 3.56
C GLU A 531 9.65 -27.31 3.05
N TYR A 532 9.99 -26.19 2.43
CA TYR A 532 11.35 -25.96 1.94
C TYR A 532 12.38 -25.98 3.06
N VAL A 533 12.05 -25.30 4.16
CA VAL A 533 12.93 -25.25 5.32
C VAL A 533 13.20 -26.65 5.86
N LEU A 534 12.14 -27.44 5.98
CA LEU A 534 12.27 -28.81 6.44
C LEU A 534 13.15 -29.63 5.49
N CYS A 535 12.96 -29.41 4.19
CA CYS A 535 13.72 -30.11 3.16
C CYS A 535 15.22 -29.82 3.29
N GLU A 536 15.57 -28.55 3.38
CA GLU A 536 16.98 -28.19 3.49
C GLU A 536 17.56 -28.65 4.83
N ALA A 537 16.70 -28.68 5.84
CA ALA A 537 17.08 -29.23 7.14
C ALA A 537 17.46 -30.70 6.98
N ASN A 538 16.74 -31.41 6.13
CA ASN A 538 17.12 -32.78 5.78
C ASN A 538 18.46 -32.83 5.05
N VAL A 539 18.62 -31.92 4.10
CA VAL A 539 19.85 -31.86 3.30
C VAL A 539 21.09 -31.67 4.17
N ALA A 540 20.96 -30.86 5.22
CA ALA A 540 22.06 -30.58 6.14
C ALA A 540 22.72 -31.85 6.67
N ILE A 541 21.91 -32.72 7.27
CA ILE A 541 22.39 -34.00 7.78
C ILE A 541 22.75 -34.93 6.64
N ALA A 542 21.95 -34.91 5.58
CA ALA A 542 22.13 -35.80 4.45
C ALA A 542 23.48 -35.61 3.75
N GLU A 543 24.08 -34.44 3.92
CA GLU A 543 25.35 -34.13 3.27
C GLU A 543 26.55 -34.71 4.01
N GLN A 544 26.67 -34.37 5.30
CA GLN A 544 27.82 -34.80 6.09
C GLN A 544 27.70 -36.23 6.60
N THR A 545 26.93 -37.05 5.89
CA THR A 545 26.76 -38.46 6.26
C THR A 545 26.89 -39.37 5.05
N ASN A 546 27.37 -38.81 3.93
CA ASN A 546 27.55 -39.54 2.68
C ASN A 546 26.27 -40.22 2.20
N LYS A 547 25.13 -39.63 2.55
CA LYS A 547 23.83 -40.14 2.14
C LYS A 547 23.34 -39.40 0.91
N PRO A 548 22.51 -40.06 0.09
CA PRO A 548 21.88 -39.38 -1.06
C PRO A 548 21.05 -38.19 -0.62
N ILE A 549 21.28 -37.02 -1.21
CA ILE A 549 20.55 -35.82 -0.82
C ILE A 549 19.56 -35.40 -1.92
N PRO A 550 18.38 -34.93 -1.49
CA PRO A 550 17.35 -34.49 -2.44
C PRO A 550 17.43 -32.99 -2.73
N GLU A 551 17.10 -32.60 -3.96
CA GLU A 551 17.06 -31.18 -4.31
C GLU A 551 15.82 -30.52 -3.73
N CYS A 552 16.02 -29.40 -3.03
CA CYS A 552 14.91 -28.69 -2.43
C CYS A 552 14.65 -27.37 -3.13
N TYR A 553 13.38 -26.96 -3.16
CA TYR A 553 12.99 -25.74 -3.83
C TYR A 553 11.71 -25.18 -3.24
N ILE A 554 11.41 -23.93 -3.57
CA ILE A 554 10.16 -23.30 -3.16
C ILE A 554 9.07 -23.57 -4.19
N LYS A 555 8.00 -24.23 -3.75
CA LYS A 555 6.91 -24.61 -4.64
C LYS A 555 6.28 -23.38 -5.30
N ASN A 556 6.01 -22.35 -4.50
CA ASN A 556 5.44 -21.12 -5.02
C ASN A 556 5.83 -19.92 -4.17
N ARG A 557 6.06 -18.78 -4.81
CA ARG A 557 6.55 -17.58 -4.14
C ARG A 557 5.83 -16.35 -4.67
N PRO A 558 5.88 -15.23 -3.92
CA PRO A 558 5.29 -13.98 -4.40
C PRO A 558 5.89 -13.53 -5.73
N SER A 559 5.06 -12.95 -6.59
CA SER A 559 5.52 -12.47 -7.89
C SER A 559 6.14 -11.08 -7.76
N LEU A 560 7.36 -10.93 -8.27
CA LEU A 560 8.09 -9.67 -8.21
C LEU A 560 7.38 -8.58 -9.00
N LEU A 561 6.70 -8.99 -10.07
CA LEU A 561 5.97 -8.06 -10.94
C LEU A 561 4.84 -7.36 -10.18
N VAL A 562 4.22 -8.09 -9.26
CA VAL A 562 3.15 -7.52 -8.44
C VAL A 562 3.68 -6.39 -7.56
N GLU A 563 4.80 -6.64 -6.90
CA GLU A 563 5.44 -5.64 -6.07
C GLU A 563 5.88 -4.44 -6.91
N LYS A 564 6.38 -4.72 -8.10
CA LYS A 564 6.71 -3.69 -9.07
C LYS A 564 5.50 -2.80 -9.35
N ILE A 565 4.35 -3.43 -9.54
CA ILE A 565 3.11 -2.71 -9.83
C ILE A 565 2.65 -1.86 -8.64
N ASN A 566 2.75 -2.41 -7.43
CA ASN A 566 2.35 -1.68 -6.24
C ASN A 566 3.23 -0.45 -6.01
N LEU A 567 4.53 -0.65 -6.12
CA LEU A 567 5.49 0.44 -6.01
C LEU A 567 5.22 1.50 -7.08
N PHE A 568 4.94 1.03 -8.29
CA PHE A 568 4.59 1.91 -9.41
C PHE A 568 3.32 2.71 -9.11
N ALA A 569 2.45 2.12 -8.30
CA ALA A 569 1.19 2.76 -7.94
C ALA A 569 1.41 3.87 -6.92
N MET A 570 2.06 3.54 -5.81
CA MET A 570 2.27 4.54 -4.76
C MET A 570 3.20 5.66 -5.22
N PHE A 571 4.32 5.28 -5.83
CA PHE A 571 5.25 6.27 -6.37
C PHE A 571 4.62 7.03 -7.52
N GLY A 572 3.75 6.35 -8.26
CA GLY A 572 2.99 7.00 -9.33
C GLY A 572 2.09 8.08 -8.77
N THR A 573 1.53 7.82 -7.60
CA THR A 573 0.74 8.83 -6.89
C THR A 573 1.66 9.97 -6.46
N GLY A 574 2.85 9.61 -5.98
CA GLY A 574 3.82 10.59 -5.56
C GLY A 574 4.30 11.49 -6.68
N ILE A 575 4.22 10.99 -7.91
CA ILE A 575 4.68 11.73 -9.08
C ILE A 575 3.56 12.55 -9.70
N SER A 576 2.36 11.97 -9.76
CA SER A 576 1.20 12.61 -10.37
C SER A 576 0.78 13.87 -9.61
N MET A 577 1.08 13.93 -8.32
CA MET A 577 0.73 15.09 -7.51
C MET A 577 1.81 16.16 -7.60
N SER A 578 2.97 15.78 -8.11
CA SER A 578 4.05 16.73 -8.33
C SER A 578 3.93 17.35 -9.71
N THR A 579 3.17 16.70 -10.59
CA THR A 579 2.96 17.18 -11.94
C THR A 579 1.99 18.35 -11.96
N TRP A 580 1.19 18.46 -10.91
CA TRP A 580 0.19 19.52 -10.78
C TRP A 580 0.81 20.92 -10.79
N VAL A 581 2.03 21.02 -10.28
CA VAL A 581 2.72 22.31 -10.21
C VAL A 581 3.39 22.66 -11.53
N TRP A 582 3.48 21.67 -12.43
CA TRP A 582 4.12 21.87 -13.72
C TRP A 582 3.23 22.69 -14.66
N THR A 583 3.30 24.01 -14.53
CA THR A 583 2.55 24.90 -15.40
C THR A 583 3.46 25.99 -15.96
N LYS A 584 2.98 26.70 -16.98
CA LYS A 584 3.76 27.77 -17.59
C LYS A 584 3.83 28.98 -16.68
N ALA A 585 2.88 29.07 -15.76
CA ALA A 585 2.81 30.19 -14.82
C ALA A 585 3.84 30.02 -13.70
N THR A 586 4.35 28.81 -13.53
CA THR A 586 5.31 28.51 -12.49
C THR A 586 6.72 28.93 -12.89
N ILE A 587 7.08 28.65 -14.14
CA ILE A 587 8.44 28.87 -14.64
C ILE A 587 8.91 30.32 -14.49
N ILE A 588 7.98 31.26 -14.65
CA ILE A 588 8.34 32.68 -14.59
C ILE A 588 8.48 33.18 -13.15
N ILE A 589 7.88 32.48 -12.21
CA ILE A 589 7.93 32.85 -10.80
C ILE A 589 9.36 32.76 -10.27
N TRP A 590 10.11 31.78 -10.80
CA TRP A 590 11.50 31.57 -10.40
C TRP A 590 12.38 32.78 -10.69
N LYS A 591 12.07 33.49 -11.77
CA LYS A 591 12.92 34.59 -12.22
C LYS A 591 12.85 35.81 -11.31
N ARG A 592 11.69 36.04 -10.72
CA ARG A 592 11.45 37.25 -9.91
C ARG A 592 12.39 37.35 -8.72
N ALA A 593 12.78 36.20 -8.16
CA ALA A 593 13.54 36.17 -6.92
C ALA A 593 14.99 36.64 -7.06
N TRP A 594 15.54 36.56 -8.27
CA TRP A 594 16.98 36.81 -8.45
C TRP A 594 17.34 37.50 -9.76
N CYS A 595 16.34 38.00 -10.50
CA CYS A 595 16.61 38.62 -11.79
C CYS A 595 17.41 39.91 -11.66
N ARG A 596 17.17 40.63 -10.56
CA ARG A 596 17.80 41.92 -10.30
C ARG A 596 17.55 42.90 -11.45
N ILE A 597 18.63 43.48 -11.98
CA ILE A 597 18.53 44.42 -13.09
C ILE A 597 19.17 43.84 -14.35
#